data_3J89
#
_entry.id   3J89
#
_cell.length_a   1
_cell.length_b   1
_cell.length_c   1
_cell.angle_alpha   90
_cell.angle_beta   90
_cell.angle_gamma   90
#
_symmetry.space_group_name_H-M   'P 1'
#
_entity_poly.entity_id   1
_entity_poly.type   'polypeptide(L)'
_entity_poly.pdbx_seq_one_letter_code
;QARILEADAEILRAYARILEAHAEILRAQ
;
_entity_poly.pdbx_strand_id   A,B,C,D,E,F,G,H,I,J,K,L,M,N,O,P,Q,R,S
#
# COMPACT_ATOMS: atom_id res chain seq x y z
N GLN A 1 -10.12 -10.72 39.86
CA GLN A 1 -11.32 -10.22 39.22
C GLN A 1 -11.11 -9.68 37.80
N ALA A 2 -10.50 -8.50 37.67
CA ALA A 2 -10.31 -7.81 36.39
C ALA A 2 -9.58 -8.66 35.36
N ARG A 3 -8.78 -9.59 35.84
CA ARG A 3 -8.09 -10.56 35.01
C ARG A 3 -9.09 -11.27 34.08
N ILE A 4 -10.20 -11.67 34.63
CA ILE A 4 -11.14 -12.42 33.88
C ILE A 4 -12.27 -11.51 33.47
N LEU A 5 -12.26 -10.28 33.93
CA LEU A 5 -13.06 -9.29 33.25
C LEU A 5 -12.65 -9.20 31.82
N GLU A 6 -11.34 -9.18 31.58
CA GLU A 6 -10.91 -9.31 30.19
C GLU A 6 -11.46 -10.57 29.59
N ALA A 7 -11.27 -11.71 30.26
CA ALA A 7 -11.79 -12.96 29.68
C ALA A 7 -13.18 -12.81 29.17
N ASP A 8 -14.07 -12.46 30.06
CA ASP A 8 -15.45 -12.33 29.74
C ASP A 8 -15.71 -11.41 28.55
N ALA A 9 -15.30 -10.16 28.70
CA ALA A 9 -15.66 -9.16 27.75
C ALA A 9 -15.01 -9.33 26.42
N GLU A 10 -13.74 -9.61 26.43
CA GLU A 10 -12.98 -9.70 25.22
C GLU A 10 -13.50 -10.76 24.32
N ILE A 11 -13.83 -11.91 24.88
CA ILE A 11 -14.41 -12.90 24.03
C ILE A 11 -15.67 -12.42 23.38
N LEU A 12 -16.53 -11.76 24.12
CA LEU A 12 -17.76 -11.32 23.52
C LEU A 12 -17.54 -10.40 22.36
N ARG A 13 -16.56 -9.54 22.49
CA ARG A 13 -16.27 -8.63 21.41
C ARG A 13 -15.91 -9.38 20.16
N ALA A 14 -15.15 -10.45 20.29
CA ALA A 14 -14.82 -11.26 19.13
C ALA A 14 -16.07 -11.86 18.51
N TYR A 15 -16.99 -12.28 19.35
CA TYR A 15 -18.22 -12.86 18.86
C TYR A 15 -18.88 -11.90 17.93
N ALA A 16 -18.95 -10.66 18.36
CA ALA A 16 -19.52 -9.61 17.56
C ALA A 16 -18.73 -9.35 16.29
N ARG A 17 -17.40 -9.39 16.37
CA ARG A 17 -16.53 -9.23 15.20
C ARG A 17 -17.02 -10.14 14.09
N ILE A 18 -17.32 -11.38 14.45
CA ILE A 18 -17.84 -12.31 13.48
C ILE A 18 -19.16 -11.92 12.93
N LEU A 19 -20.09 -11.56 13.78
CA LEU A 19 -21.38 -11.18 13.25
C LEU A 19 -21.35 -10.00 12.33
N GLU A 20 -20.53 -9.05 12.66
CA GLU A 20 -20.40 -7.87 11.87
C GLU A 20 -19.94 -8.24 10.51
N ALA A 21 -18.97 -9.15 10.44
CA ALA A 21 -18.51 -9.60 9.17
C ALA A 21 -19.63 -10.19 8.37
N HIS A 22 -20.44 -11.00 9.02
CA HIS A 22 -21.57 -11.64 8.38
C HIS A 22 -22.47 -10.61 7.71
N ALA A 23 -22.75 -9.52 8.41
CA ALA A 23 -23.56 -8.44 7.86
C ALA A 23 -22.96 -7.83 6.65
N GLU A 24 -21.68 -7.51 6.73
CA GLU A 24 -20.97 -6.92 5.62
C GLU A 24 -21.16 -7.73 4.36
N ILE A 25 -21.03 -9.04 4.52
CA ILE A 25 -21.24 -9.96 3.44
C ILE A 25 -22.61 -9.81 2.83
N LEU A 26 -23.65 -9.76 3.66
CA LEU A 26 -25.00 -9.59 3.14
C LEU A 26 -25.19 -8.34 2.32
N ARG A 27 -24.50 -7.28 2.69
CA ARG A 27 -24.57 -6.08 1.88
C ARG A 27 -24.01 -6.27 0.51
N ALA A 28 -22.82 -6.86 0.43
CA ALA A 28 -22.15 -7.07 -0.85
C ALA A 28 -22.89 -8.02 -1.74
N GLN A 29 -23.42 -9.05 -1.13
CA GLN A 29 -24.07 -10.13 -1.81
C GLN A 29 -25.20 -9.71 -2.71
N GLN B 1 -2.24 36.36 20.13
CA GLN B 1 -3.45 35.58 20.36
C GLN B 1 -3.54 34.30 19.52
N ALA B 2 -3.78 34.43 18.21
CA ALA B 2 -3.97 33.29 17.31
C ALA B 2 -2.81 32.31 17.32
N ARG B 3 -1.64 32.82 17.65
CA ARG B 3 -0.45 32.01 17.80
C ARG B 3 -0.71 30.84 18.76
N ILE B 4 -1.37 31.13 19.86
CA ILE B 4 -1.57 30.13 20.85
C ILE B 4 -3.00 29.64 20.74
N LEU B 5 -3.79 30.25 19.88
CA LEU B 5 -5.00 29.55 19.46
C LEU B 5 -4.62 28.23 18.85
N GLU B 6 -3.61 28.24 17.99
CA GLU B 6 -3.11 26.95 17.55
C GLU B 6 -2.70 26.11 18.73
N ALA B 7 -1.87 26.66 19.63
CA ALA B 7 -1.46 25.86 20.79
C ALA B 7 -2.61 25.12 21.41
N ASP B 8 -3.57 25.87 21.86
CA ASP B 8 -4.71 25.32 22.53
C ASP B 8 -5.40 24.24 21.72
N ALA B 9 -5.87 24.61 20.55
CA ALA B 9 -6.72 23.73 19.79
C ALA B 9 -6.02 22.52 19.26
N GLU B 10 -4.85 22.73 18.72
CA GLU B 10 -4.12 21.67 18.08
C GLU B 10 -3.81 20.58 19.03
N ILE B 11 -3.38 20.93 20.22
CA ILE B 11 -3.16 19.88 21.16
C ILE B 11 -4.39 19.06 21.42
N LEU B 12 -5.53 19.72 21.59
CA LEU B 12 -6.72 18.97 21.86
C LEU B 12 -7.03 17.99 20.78
N ARG B 13 -6.83 18.38 19.55
CA ARG B 13 -7.10 17.50 18.46
C ARG B 13 -6.27 16.25 18.56
N ALA B 14 -5.01 16.38 18.95
CA ALA B 14 -4.18 15.21 19.15
C ALA B 14 -4.72 14.31 20.24
N TYR B 15 -5.24 14.91 21.29
CA TYR B 15 -5.79 14.14 22.38
C TYR B 15 -6.85 13.23 21.83
N ALA B 16 -7.71 13.80 21.00
CA ALA B 16 -8.76 13.03 20.38
C ALA B 16 -8.22 11.97 19.45
N ARG B 17 -7.17 12.27 18.69
CA ARG B 17 -6.51 11.30 17.80
C ARG B 17 -6.25 10.03 18.58
N ILE B 18 -5.72 10.17 19.78
CA ILE B 18 -5.48 9.03 20.62
C ILE B 18 -6.72 8.30 20.99
N LEU B 19 -7.73 9.01 21.44
CA LEU B 19 -8.94 8.30 21.83
C LEU B 19 -9.58 7.55 20.71
N GLU B 20 -9.56 8.13 19.54
CA GLU B 20 -10.15 7.53 18.40
C GLU B 20 -9.47 6.24 18.13
N ALA B 21 -8.14 6.24 18.23
CA ALA B 21 -7.41 5.02 18.05
C ALA B 21 -7.87 3.97 19.01
N HIS B 22 -8.04 4.36 20.26
CA HIS B 22 -8.47 3.45 21.30
C HIS B 22 -9.77 2.75 20.90
N ALA B 23 -10.71 3.53 20.38
CA ALA B 23 -11.98 2.98 19.92
C ALA B 23 -11.81 1.97 18.84
N GLU B 24 -11.02 2.32 17.84
CA GLU B 24 -10.76 1.43 16.74
C GLU B 24 -10.32 0.07 17.22
N ILE B 25 -9.42 0.09 18.18
CA ILE B 25 -8.93 -1.10 18.79
C ILE B 25 -10.04 -1.92 19.37
N LEU B 26 -10.94 -1.30 20.13
CA LEU B 26 -12.07 -2.04 20.72
C LEU B 26 -12.94 -2.72 19.70
N ARG B 27 -13.09 -2.11 18.54
CA ARG B 27 -13.83 -2.77 17.49
C ARG B 27 -13.19 -4.04 17.01
N ALA B 28 -11.90 -3.97 16.73
CA ALA B 28 -11.16 -5.12 16.23
C ALA B 28 -11.08 -6.23 17.23
N GLN B 29 -10.89 -5.85 18.47
CA GLN B 29 -10.68 -6.76 19.55
C GLN B 29 -11.74 -7.80 19.72
N GLN C 1 -24.27 24.13 -24.95
CA GLN C 1 -24.74 24.04 -23.57
C GLN C 1 -23.94 23.06 -22.70
N ALA C 2 -24.12 21.75 -22.92
CA ALA C 2 -23.50 20.70 -22.11
C ALA C 2 -21.99 20.79 -22.06
N ARG C 3 -21.41 21.39 -23.09
CA ARG C 3 -20.00 21.66 -23.16
C ARG C 3 -19.53 22.40 -21.89
N ILE C 4 -20.30 23.39 -21.50
CA ILE C 4 -19.90 24.20 -20.40
C ILE C 4 -20.69 23.79 -19.18
N LEU C 5 -21.62 22.88 -19.35
CA LEU C 5 -22.09 22.17 -18.18
C LEU C 5 -20.94 21.47 -17.51
N GLU C 6 -20.09 20.83 -18.30
CA GLU C 6 -18.87 20.34 -17.71
C GLU C 6 -18.12 21.46 -17.06
N ALA C 7 -17.88 22.55 -17.80
CA ALA C 7 -17.12 23.66 -17.19
C ALA C 7 -17.60 23.97 -15.80
N ASP C 8 -18.85 24.33 -15.71
CA ASP C 8 -19.43 24.70 -14.46
C ASP C 8 -19.25 23.67 -13.36
N ALA C 9 -19.76 22.48 -13.61
CA ALA C 9 -19.82 21.49 -12.58
C ALA C 9 -18.48 20.95 -12.18
N GLU C 10 -17.66 20.65 -13.15
CA GLU C 10 -16.40 20.03 -12.91
C GLU C 10 -15.53 20.88 -12.06
N ILE C 11 -15.50 22.17 -12.34
CA ILE C 11 -14.73 23.01 -11.48
C ILE C 11 -15.19 22.94 -10.06
N LEU C 12 -16.50 22.97 -9.84
CA LEU C 12 -16.97 22.93 -8.48
C LEU C 12 -16.55 21.70 -7.75
N ARG C 13 -16.54 20.59 -8.44
CA ARG C 13 -16.12 19.37 -7.82
C ARG C 13 -14.71 19.47 -7.34
N ALA C 14 -13.84 20.09 -8.13
CA ALA C 14 -12.47 20.29 -7.68
C ALA C 14 -12.40 21.16 -6.43
N TYR C 15 -13.25 22.17 -6.36
CA TYR C 15 -13.26 23.03 -5.22
C TYR C 15 -13.49 22.20 -3.98
N ALA C 16 -14.45 21.31 -4.07
CA ALA C 16 -14.75 20.41 -2.98
C ALA C 16 -13.60 19.48 -2.68
N ARG C 17 -12.93 18.96 -3.71
CA ARG C 17 -11.75 18.10 -3.53
C ARG C 17 -10.79 18.75 -2.55
N ILE C 18 -10.56 20.04 -2.73
CA ILE C 18 -9.72 20.76 -1.83
C ILE C 18 -10.25 20.82 -0.44
N LEU C 19 -11.50 21.17 -0.28
CA LEU C 19 -12.02 21.24 1.06
C LEU C 19 -11.98 19.94 1.81
N GLU C 20 -12.25 18.88 1.11
CA GLU C 20 -12.25 17.59 1.69
C GLU C 20 -10.89 17.29 2.22
N ALA C 21 -9.87 17.62 1.44
CA ALA C 21 -8.53 17.42 1.91
C ALA C 21 -8.29 18.17 3.19
N HIS C 22 -8.75 19.40 3.24
CA HIS C 22 -8.59 20.22 4.41
C HIS C 22 -9.14 19.53 5.65
N ALA C 23 -10.32 18.94 5.52
CA ALA C 23 -10.92 18.19 6.62
C ALA C 23 -10.10 17.05 7.07
N GLU C 24 -9.64 16.26 6.12
CA GLU C 24 -8.80 15.12 6.42
C GLU C 24 -7.64 15.51 7.30
N ILE C 25 -7.01 16.61 6.94
CA ILE C 25 -5.94 17.15 7.69
C ILE C 25 -6.32 17.42 9.12
N LEU C 26 -7.46 18.07 9.33
CA LEU C 26 -7.91 18.36 10.69
C LEU C 26 -8.09 17.12 11.55
N ARG C 27 -8.51 16.04 10.92
CA ARG C 27 -8.60 14.80 11.66
C ARG C 27 -7.29 14.30 12.15
N ALA C 28 -6.31 14.27 11.26
CA ALA C 28 -4.98 13.77 11.60
C ALA C 28 -4.29 14.64 12.62
N GLN C 29 -4.46 15.92 12.46
CA GLN C 29 -3.80 16.91 13.25
C GLN C 29 -3.99 16.76 14.74
N GLN D 1 -30.71 -25.31 -11.49
CA GLN D 1 -31.11 -24.06 -10.85
C GLN D 1 -29.93 -23.18 -10.40
N ALA D 2 -29.24 -23.58 -9.33
CA ALA D 2 -28.15 -22.81 -8.71
C ALA D 2 -27.04 -22.48 -9.70
N ARG D 3 -26.90 -23.31 -10.72
CA ARG D 3 -25.97 -23.09 -11.80
C ARG D 3 -26.15 -21.68 -12.40
N ILE D 4 -27.39 -21.31 -12.60
CA ILE D 4 -27.67 -20.08 -13.25
C ILE D 4 -28.10 -19.08 -12.20
N LEU D 5 -28.24 -19.52 -10.96
CA LEU D 5 -28.24 -18.54 -9.89
C LEU D 5 -26.97 -17.76 -9.92
N GLU D 6 -25.85 -18.46 -10.09
CA GLU D 6 -24.62 -17.72 -10.33
C GLU D 6 -24.78 -16.82 -11.52
N ALA D 7 -25.23 -17.36 -12.65
CA ALA D 7 -25.39 -16.50 -13.84
C ALA D 7 -26.05 -15.20 -13.51
N ASP D 8 -27.24 -15.29 -13.01
CA ASP D 8 -28.02 -14.13 -12.69
C ASP D 8 -27.29 -13.15 -11.79
N ALA D 9 -26.93 -13.62 -10.61
CA ALA D 9 -26.43 -12.74 -9.59
C ALA D 9 -25.08 -12.18 -9.91
N GLU D 10 -24.19 -13.02 -10.37
CA GLU D 10 -22.84 -12.63 -10.61
C GLU D 10 -22.75 -11.54 -11.62
N ILE D 11 -23.52 -11.65 -12.68
CA ILE D 11 -23.50 -10.58 -13.61
C ILE D 11 -23.91 -9.27 -12.98
N LEU D 12 -24.96 -9.30 -12.18
CA LEU D 12 -25.40 -8.07 -11.59
C LEU D 12 -24.34 -7.42 -10.76
N ARG D 13 -23.60 -8.22 -10.03
CA ARG D 13 -22.55 -7.68 -9.22
C ARG D 13 -21.54 -6.94 -10.05
N ALA D 14 -21.21 -7.48 -11.22
CA ALA D 14 -20.30 -6.78 -12.10
C ALA D 14 -20.87 -5.45 -12.55
N TYR D 15 -22.16 -5.42 -12.81
CA TYR D 15 -22.81 -4.20 -13.23
C TYR D 15 -22.53 -3.13 -12.20
N ALA D 16 -22.72 -3.49 -10.95
CA ALA D 16 -22.46 -2.59 -9.85
C ALA D 16 -21.00 -2.20 -9.77
N ARG D 17 -20.08 -3.15 -9.99
CA ARG D 17 -18.65 -2.87 -10.00
C ARG D 17 -18.37 -1.66 -10.86
N ILE D 18 -18.98 -1.64 -12.04
CA ILE D 18 -18.84 -0.52 -12.93
C ILE D 18 -19.38 0.76 -12.37
N LEU D 19 -20.58 0.72 -11.85
CA LEU D 19 -21.12 1.95 -11.31
C LEU D 19 -20.33 2.53 -10.18
N GLU D 20 -19.83 1.67 -9.34
CA GLU D 20 -19.05 2.09 -8.22
C GLU D 20 -17.85 2.81 -8.71
N ALA D 21 -17.22 2.28 -9.74
CA ALA D 21 -16.08 2.94 -10.30
C ALA D 21 -16.44 4.32 -10.75
N HIS D 22 -17.57 4.45 -11.42
CA HIS D 22 -18.05 5.71 -11.90
C HIS D 22 -18.12 6.75 -10.79
N ALA D 23 -18.65 6.33 -9.64
CA ALA D 23 -18.74 7.21 -8.47
C ALA D 23 -17.41 7.66 -8.01
N GLU D 24 -16.50 6.73 -7.87
CA GLU D 24 -15.16 7.03 -7.42
C GLU D 24 -14.55 8.15 -8.25
N ILE D 25 -14.73 8.03 -9.55
CA ILE D 25 -14.27 9.04 -10.47
C ILE D 25 -14.85 10.38 -10.15
N LEU D 26 -16.16 10.46 -9.92
CA LEU D 26 -16.76 11.75 -9.59
C LEU D 26 -16.19 12.39 -8.35
N ARG D 27 -15.81 11.59 -7.39
CA ARG D 27 -15.15 12.14 -6.22
C ARG D 27 -13.84 12.80 -6.53
N ALA D 28 -13.00 12.10 -7.28
CA ALA D 28 -11.69 12.62 -7.64
C ALA D 28 -11.75 13.84 -8.51
N GLN D 29 -12.68 13.81 -9.42
CA GLN D 29 -12.84 14.82 -10.43
C GLN D 29 -13.00 16.21 -9.89
N GLN E 1 -5.69 -19.22 33.27
CA GLN E 1 -6.81 -18.52 32.67
C GLN E 1 -6.48 -17.77 31.39
N ALA E 2 -5.77 -16.63 31.50
CA ALA E 2 -5.45 -15.76 30.37
C ALA E 2 -4.73 -16.47 29.24
N ARG E 3 -4.02 -17.54 29.59
CA ARG E 3 -3.37 -18.40 28.63
C ARG E 3 -4.34 -18.84 27.53
N ILE E 4 -5.52 -19.24 27.96
CA ILE E 4 -6.48 -19.77 27.04
C ILE E 4 -7.51 -18.71 26.75
N LEU E 5 -7.42 -17.57 27.43
CA LEU E 5 -8.11 -16.42 26.89
C LEU E 5 -7.59 -16.11 25.51
N GLU E 6 -6.28 -16.17 25.34
CA GLU E 6 -5.78 -16.09 23.99
C GLU E 6 -6.39 -17.17 23.14
N ALA E 7 -6.32 -18.42 23.61
CA ALA E 7 -6.89 -19.51 22.79
C ALA E 7 -8.24 -19.15 22.25
N ASP E 8 -9.16 -18.89 23.14
CA ASP E 8 -10.50 -18.58 22.79
C ASP E 8 -10.61 -17.45 21.77
N ALA E 9 -10.11 -16.29 22.16
CA ALA E 9 -10.33 -15.10 21.39
C ALA E 9 -9.63 -15.09 20.08
N GLU E 10 -8.38 -15.50 20.09
CA GLU E 10 -7.56 -15.43 18.93
C GLU E 10 -8.11 -16.27 17.84
N ILE E 11 -8.56 -17.46 18.16
CA ILE E 11 -9.15 -18.24 17.13
C ILE E 11 -10.33 -17.55 16.50
N LEU E 12 -11.19 -16.96 17.32
CA LEU E 12 -12.33 -16.30 16.75
C LEU E 12 -11.97 -15.22 15.80
N ARG E 13 -10.94 -14.49 16.11
CA ARG E 13 -10.52 -13.43 15.23
C ARG E 13 -10.14 -13.98 13.88
N ALA E 14 -9.47 -15.12 13.85
CA ALA E 14 -9.14 -15.74 12.59
C ALA E 14 -10.39 -16.12 11.81
N TYR E 15 -11.39 -16.60 12.51
CA TYR E 15 -12.63 -16.97 11.87
C TYR E 15 -13.15 -15.80 11.09
N ALA E 16 -13.15 -14.65 11.74
CA ALA E 16 -13.59 -13.43 11.11
C ALA E 16 -12.71 -13.03 9.96
N ARG E 17 -11.39 -13.19 10.09
CA ARG E 17 -10.44 -12.92 9.00
C ARG E 17 -10.93 -13.57 7.73
N ILE E 18 -11.35 -14.83 7.84
CA ILE E 18 -11.88 -15.53 6.71
C ILE E 18 -13.12 -14.94 6.17
N LEU E 19 -14.07 -14.64 7.03
CA LEU E 19 -15.30 -14.07 6.51
C LEU E 19 -15.12 -12.75 5.83
N GLU E 20 -14.26 -11.94 6.35
CA GLU E 20 -13.98 -10.67 5.79
C GLU E 20 -13.47 -10.83 4.41
N ALA E 21 -12.57 -11.79 4.23
CA ALA E 21 -12.07 -12.06 2.91
C ALA E 21 -13.19 -12.40 1.97
N HIS E 22 -14.10 -13.24 2.42
CA HIS E 22 -15.23 -13.65 1.63
C HIS E 22 -16.00 -12.44 1.11
N ALA E 23 -16.24 -11.48 1.99
CA ALA E 23 -16.92 -10.25 1.60
C ALA E 23 -16.21 -9.49 0.54
N GLU E 24 -14.92 -9.31 0.74
CA GLU E 24 -14.10 -8.60 -0.21
C GLU E 24 -14.27 -9.15 -1.60
N ILE E 25 -14.25 -10.48 -1.67
CA ILE E 25 -14.46 -11.17 -2.90
C ILE E 25 -15.78 -10.80 -3.54
N LEU E 26 -16.86 -10.81 -2.76
CA LEU E 26 -18.17 -10.43 -3.32
C LEU E 26 -18.21 -9.05 -3.90
N ARG E 27 -17.46 -8.13 -3.31
CA ARG E 27 -17.37 -6.82 -3.90
C ARG E 27 -16.76 -6.80 -5.26
N ALA E 28 -15.61 -7.47 -5.38
CA ALA E 28 -14.88 -7.52 -6.65
C ALA E 28 -15.65 -8.23 -7.73
N GLN E 29 -16.28 -9.30 -7.33
CA GLN E 29 -16.98 -10.19 -8.22
C GLN E 29 -18.01 -9.52 -9.09
N GLN F 1 6.96 29.72 22.67
CA GLN F 1 5.68 29.02 22.69
C GLN F 1 5.56 27.90 21.64
N ALA F 2 5.40 28.28 20.37
CA ALA F 2 5.17 27.34 19.26
C ALA F 2 6.26 26.28 19.15
N ARG F 3 7.45 26.62 19.62
CA ARG F 3 8.55 25.70 19.68
C ARG F 3 8.15 24.40 20.40
N ILE F 4 7.45 24.56 21.50
CA ILE F 4 7.10 23.43 22.29
C ILE F 4 5.66 23.07 22.03
N LEU F 5 4.97 23.89 21.25
CA LEU F 5 3.75 23.39 20.66
C LEU F 5 4.06 22.17 19.84
N GLU F 6 5.12 22.24 19.05
CA GLU F 6 5.54 21.01 18.41
C GLU F 6 5.81 19.95 19.44
N ALA F 7 6.62 20.26 20.45
CA ALA F 7 6.90 19.23 21.47
C ALA F 7 5.66 18.50 21.90
N ASP F 8 4.73 19.24 22.43
CA ASP F 8 3.52 18.69 22.93
C ASP F 8 2.79 17.82 21.92
N ALA F 9 2.43 18.42 20.81
CA ALA F 9 1.56 17.77 19.86
C ALA F 9 2.19 16.62 19.16
N GLU F 10 3.41 16.81 18.72
CA GLU F 10 4.09 15.83 17.93
C GLU F 10 4.26 14.56 18.68
N ILE F 11 4.65 14.66 19.94
CA ILE F 11 4.72 13.45 20.70
C ILE F 11 3.42 12.71 20.74
N LEU F 12 2.34 13.42 20.96
CA LEU F 12 1.07 12.73 21.05
C LEU F 12 0.74 11.99 19.80
N ARG F 13 1.06 12.57 18.66
CA ARG F 13 0.79 11.92 17.42
C ARG F 13 1.51 10.61 17.34
N ALA F 14 2.75 10.57 17.81
CA ALA F 14 3.48 9.31 17.83
C ALA F 14 2.80 8.29 18.71
N TYR F 15 2.27 8.73 19.83
CA TYR F 15 1.59 7.84 20.74
C TYR F 15 0.50 7.13 19.99
N ALA F 16 -0.26 7.90 19.23
CA ALA F 16 -1.32 7.35 18.44
C ALA F 16 -0.81 6.43 17.36
N ARG F 17 0.31 6.77 16.71
CA ARG F 17 0.95 5.91 15.70
C ARG F 17 1.06 4.50 16.24
N ILE F 18 1.51 4.39 17.48
CA ILE F 18 1.62 3.10 18.11
C ILE F 18 0.31 2.42 18.28
N LEU F 19 -0.67 3.12 18.81
CA LEU F 19 -1.95 2.47 19.01
C LEU F 19 -2.58 1.99 17.75
N GLU F 20 -2.45 2.76 16.71
CA GLU F 20 -3.00 2.41 15.44
C GLU F 20 -2.41 1.13 14.98
N ALA F 21 -1.10 1.00 15.14
CA ALA F 21 -0.45 -0.22 14.78
C ALA F 21 -1.05 -1.38 15.51
N HIS F 22 -1.26 -1.20 16.80
CA HIS F 22 -1.82 -2.23 17.63
C HIS F 22 -3.15 -2.73 17.07
N ALA F 23 -4.00 -1.81 16.64
CA ALA F 23 -5.26 -2.16 16.04
C ALA F 23 -5.12 -2.97 14.81
N GLU F 24 -4.24 -2.52 13.93
CA GLU F 24 -3.99 -3.22 12.69
C GLU F 24 -3.68 -4.68 12.93
N ILE F 25 -2.83 -4.91 13.93
CA ILE F 25 -2.48 -6.23 14.34
C ILE F 25 -3.69 -7.03 14.71
N LEU F 26 -4.58 -6.47 15.53
CA LEU F 26 -5.78 -7.20 15.91
C LEU F 26 -6.64 -7.62 14.75
N ARG F 27 -6.68 -6.81 13.72
CA ARG F 27 -7.40 -7.20 12.53
C ARG F 27 -6.84 -8.42 11.87
N ALA F 28 -5.52 -8.42 11.66
CA ALA F 28 -4.85 -9.52 11.00
C ALA F 28 -4.91 -10.80 11.78
N GLN F 29 -4.77 -10.66 13.08
CA GLN F 29 -4.69 -11.75 13.99
C GLN F 29 -5.84 -12.71 13.94
N GLN G 1 -13.13 27.48 -24.85
CA GLN G 1 -13.68 27.18 -23.54
C GLN G 1 -13.01 26.00 -22.82
N ALA G 2 -13.29 24.77 -23.28
CA ALA G 2 -12.80 23.54 -22.64
C ALA G 2 -11.28 23.50 -22.50
N ARG G 3 -10.61 24.21 -23.38
CA ARG G 3 -9.17 24.36 -23.33
C ARG G 3 -8.72 24.84 -21.94
N ILE G 4 -9.44 25.80 -21.41
CA ILE G 4 -9.06 26.38 -20.17
C ILE G 4 -9.94 25.82 -19.08
N LEU G 5 -10.93 25.04 -19.45
CA LEU G 5 -11.53 24.18 -18.45
C LEU G 5 -10.48 23.28 -17.87
N GLU G 6 -9.64 22.72 -18.71
CA GLU G 6 -8.50 22.02 -18.16
C GLU G 6 -7.69 22.95 -17.29
N ALA G 7 -7.33 24.12 -17.81
CA ALA G 7 -6.54 25.04 -16.98
C ALA G 7 -7.07 25.15 -15.58
N ASP G 8 -8.28 25.59 -15.48
CA ASP G 8 -8.92 25.79 -14.22
C ASP G 8 -8.87 24.57 -13.31
N ALA G 9 -9.46 23.49 -13.79
CA ALA G 9 -9.66 22.34 -12.96
C ALA G 9 -8.40 21.63 -12.60
N GLU G 10 -7.54 21.44 -13.57
CA GLU G 10 -6.35 20.68 -13.40
C GLU G 10 -5.48 21.29 -12.36
N ILE G 11 -5.32 22.60 -12.40
CA ILE G 11 -4.55 23.20 -11.38
C ILE G 11 -5.10 22.93 -10.01
N LEU G 12 -6.41 23.03 -9.86
CA LEU G 12 -6.97 22.80 -8.54
C LEU G 12 -6.68 21.43 -8.03
N ARG G 13 -6.71 20.46 -8.90
CA ARG G 13 -6.43 19.12 -8.49
C ARG G 13 -5.04 19.01 -7.93
N ALA G 14 -4.09 19.69 -8.55
CA ALA G 14 -2.74 19.68 -8.01
C ALA G 14 -2.68 20.31 -6.63
N TYR G 15 -3.45 21.36 -6.43
CA TYR G 15 -3.48 22.01 -5.15
C TYR G 15 -3.83 21.00 -4.09
N ALA G 16 -4.86 20.22 -4.39
CA ALA G 16 -5.28 19.18 -3.48
C ALA G 16 -4.23 18.11 -3.30
N ARG G 17 -3.53 17.73 -4.37
CA ARG G 17 -2.44 16.75 -4.30
C ARG G 17 -1.51 17.12 -3.17
N ILE G 18 -1.17 18.40 -3.11
CA ILE G 18 -0.31 18.89 -2.05
C ILE G 18 -0.92 18.75 -0.70
N LEU G 19 -2.16 19.17 -0.54
CA LEU G 19 -2.76 19.05 0.77
C LEU G 19 -2.86 17.64 1.27
N GLU G 20 -3.17 16.74 0.38
CA GLU G 20 -3.30 15.37 0.72
C GLU G 20 -2.00 14.87 1.25
N ALA G 21 -0.92 15.25 0.59
CA ALA G 21 0.37 14.86 1.08
C ALA G 21 0.59 15.34 2.47
N HIS G 22 0.23 16.59 2.74
CA HIS G 22 0.38 17.17 4.04
C HIS G 22 -0.30 16.32 5.11
N ALA G 23 -1.51 15.86 4.82
CA ALA G 23 -2.24 14.99 5.73
C ALA G 23 -1.53 13.72 6.01
N GLU G 24 -1.07 13.08 4.97
CA GLU G 24 -0.35 11.83 5.09
C GLU G 24 0.78 11.96 6.08
N ILE G 25 1.51 13.05 5.94
CA ILE G 25 2.59 13.35 6.84
C ILE G 25 2.13 13.41 8.27
N LEU G 26 1.03 14.10 8.54
CA LEU G 26 0.53 14.18 9.91
C LEU G 26 0.20 12.84 10.51
N ARG G 27 -0.27 11.92 9.69
CA ARG G 27 -0.50 10.59 10.19
C ARG G 27 0.74 9.90 10.65
N ALA G 28 1.77 9.94 9.80
CA ALA G 28 3.03 9.28 10.12
C ALA G 28 3.73 9.88 11.31
N GLN G 29 3.67 11.19 11.37
CA GLN G 29 4.35 11.96 12.36
C GLN G 29 4.05 11.58 13.78
N GLN H 1 -24.15 -22.82 -20.77
CA GLN H 1 -24.49 -21.66 -19.94
C GLN H 1 -23.28 -20.99 -19.28
N ALA H 2 -22.69 -21.62 -18.26
CA ALA H 2 -21.58 -21.06 -17.48
C ALA H 2 -20.39 -20.66 -18.33
N ARG H 3 -20.25 -21.31 -19.47
CA ARG H 3 -19.23 -20.99 -20.44
C ARG H 3 -19.27 -19.49 -20.79
N ILE H 4 -20.47 -18.98 -20.99
CA ILE H 4 -20.61 -17.64 -21.41
C ILE H 4 -21.03 -16.80 -20.23
N LEU H 5 -21.27 -17.43 -19.10
CA LEU H 5 -21.28 -16.67 -17.87
C LEU H 5 -19.93 -16.02 -17.70
N GLU H 6 -18.87 -16.76 -17.95
CA GLU H 6 -17.59 -16.10 -17.99
C GLU H 6 -17.60 -14.99 -19.00
N ALA H 7 -18.02 -15.29 -20.24
CA ALA H 7 -18.03 -14.23 -21.25
C ALA H 7 -18.60 -12.95 -20.72
N ASP H 8 -19.84 -13.02 -20.30
CA ASP H 8 -20.54 -11.87 -19.82
C ASP H 8 -19.80 -11.12 -18.73
N ALA H 9 -19.55 -11.83 -17.64
CA ALA H 9 -19.04 -11.19 -16.46
C ALA H 9 -17.63 -10.70 -16.60
N GLU H 10 -16.79 -11.51 -17.17
CA GLU H 10 -15.40 -11.22 -17.26
C GLU H 10 -15.17 -9.97 -18.05
N ILE H 11 -15.87 -9.84 -19.15
CA ILE H 11 -15.71 -8.62 -19.88
C ILE H 11 -16.06 -7.41 -19.05
N LEU H 12 -17.15 -7.49 -18.31
CA LEU H 12 -17.54 -6.34 -17.53
C LEU H 12 -16.48 -5.95 -16.55
N ARG H 13 -15.84 -6.92 -15.95
CA ARG H 13 -14.81 -6.63 -15.00
C ARG H 13 -13.70 -5.85 -15.64
N ALA H 14 -13.35 -6.20 -16.87
CA ALA H 14 -12.33 -5.43 -17.57
C ALA H 14 -12.77 -4.00 -17.80
N TYR H 15 -14.03 -3.81 -18.10
CA TYR H 15 -14.55 -2.49 -18.33
C TYR H 15 -14.26 -1.64 -17.12
N ALA H 16 -14.55 -2.20 -15.96
CA ALA H 16 -14.29 -1.52 -14.71
C ALA H 16 -12.82 -1.29 -14.48
N ARG H 17 -11.96 -2.25 -14.83
CA ARG H 17 -10.51 -2.10 -14.73
C ARG H 17 -10.10 -0.79 -15.34
N ILE H 18 -10.63 -0.51 -16.52
CA ILE H 18 -10.35 0.73 -17.19
C ILE H 18 -10.83 1.93 -16.44
N LEU H 19 -12.06 1.90 -15.99
CA LEU H 19 -12.53 3.07 -15.27
C LEU H 19 -11.77 3.37 -14.01
N GLU H 20 -11.39 2.34 -13.32
CA GLU H 20 -10.65 2.48 -12.11
C GLU H 20 -9.37 3.18 -12.39
N ALA H 21 -8.71 2.77 -13.48
CA ALA H 21 -7.50 3.44 -13.86
C ALA H 21 -7.73 4.89 -14.07
N HIS H 22 -8.80 5.23 -14.76
CA HIS H 22 -9.14 6.60 -15.04
C HIS H 22 -9.21 7.42 -13.76
N ALA H 23 -9.83 6.87 -12.73
CA ALA H 23 -9.93 7.53 -11.44
C ALA H 23 -8.60 7.77 -10.82
N GLU H 24 -7.76 6.75 -10.81
CA GLU H 24 -6.44 6.86 -10.26
C GLU H 24 -5.70 8.05 -10.85
N ILE H 25 -5.81 8.18 -12.16
CA ILE H 25 -5.23 9.28 -12.85
C ILE H 25 -5.71 10.59 -12.32
N LEU H 26 -7.02 10.75 -12.15
CA LEU H 26 -7.55 12.01 -11.62
C LEU H 26 -7.01 12.38 -10.26
N ARG H 27 -6.74 11.38 -9.44
CA ARG H 27 -6.13 11.66 -8.17
C ARG H 27 -4.75 12.25 -8.29
N ALA H 28 -3.92 11.62 -9.11
CA ALA H 28 -2.54 12.08 -9.31
C ALA H 28 -2.47 13.43 -9.94
N GLN H 29 -3.34 13.64 -10.90
CA GLN H 29 -3.36 14.82 -11.71
C GLN H 29 -3.44 16.11 -10.94
N GLN I 1 -1.52 -26.81 25.48
CA GLN I 1 -2.56 -25.90 24.97
C GLN I 1 -2.09 -24.97 23.86
N ALA I 2 -1.29 -23.95 24.20
CA ALA I 2 -0.84 -22.91 23.26
C ALA I 2 -0.10 -23.49 22.07
N ARG I 3 0.48 -24.65 22.24
CA ARG I 3 1.14 -25.38 21.18
C ARG I 3 0.19 -25.55 19.97
N ILE I 4 -1.04 -25.90 20.27
CA ILE I 4 -1.97 -26.18 19.23
C ILE I 4 -2.89 -25.00 19.08
N LEU I 5 -2.77 -24.01 19.96
CA LEU I 5 -3.33 -22.73 19.61
C LEU I 5 -2.71 -22.23 18.33
N GLU I 6 -1.40 -22.37 18.22
CA GLU I 6 -0.81 -22.09 16.92
C GLU I 6 -1.45 -22.96 15.87
N ALA I 7 -1.50 -24.28 16.09
CA ALA I 7 -2.10 -25.15 15.08
C ALA I 7 -3.39 -24.58 14.54
N ASP I 8 -4.33 -24.41 15.43
CA ASP I 8 -5.62 -23.93 15.07
C ASP I 8 -5.59 -22.63 14.28
N ALA I 9 -5.03 -21.61 14.88
CA ALA I 9 -5.11 -20.29 14.33
C ALA I 9 -4.33 -20.11 13.08
N GLU I 10 -3.11 -20.62 13.07
CA GLU I 10 -2.22 -20.42 11.98
C GLU I 10 -2.76 -21.00 10.73
N ILE I 11 -3.32 -22.19 10.82
CA ILE I 11 -3.91 -22.72 9.63
C ILE I 11 -4.99 -21.83 9.09
N LEU I 12 -5.85 -21.32 9.96
CA LEU I 12 -6.91 -20.49 9.46
C LEU I 12 -6.40 -19.29 8.72
N ARG I 13 -5.34 -18.71 9.22
CA ARG I 13 -4.79 -17.56 8.56
C ARG I 13 -4.37 -17.89 7.16
N ALA I 14 -3.78 -19.06 6.96
CA ALA I 14 -3.43 -19.47 5.62
C ALA I 14 -4.65 -19.61 4.73
N TYR I 15 -5.73 -20.11 5.28
CA TYR I 15 -6.95 -20.27 4.53
C TYR I 15 -7.33 -18.93 3.95
N ALA I 16 -7.29 -17.92 4.80
CA ALA I 16 -7.59 -16.58 4.37
C ALA I 16 -6.61 -16.05 3.35
N ARG I 17 -5.32 -16.36 3.51
CA ARG I 17 -4.29 -15.97 2.54
C ARG I 17 -4.75 -16.35 1.15
N ILE I 18 -5.26 -17.57 1.01
CA ILE I 18 -5.77 -18.01 -0.25
C ILE I 18 -6.93 -17.22 -0.73
N LEU I 19 -7.91 -17.01 0.12
CA LEU I 19 -9.06 -16.25 -0.34
C LEU I 19 -8.74 -14.86 -0.78
N GLU I 20 -7.84 -14.23 -0.07
CA GLU I 20 -7.45 -12.91 -0.38
C GLU I 20 -6.86 -12.87 -1.74
N ALA I 21 -6.03 -13.86 -2.05
CA ALA I 21 -5.47 -13.94 -3.37
C ALA I 21 -6.55 -14.01 -4.40
N HIS I 22 -7.55 -14.83 -4.15
CA HIS I 22 -8.64 -15.00 -5.06
C HIS I 22 -9.30 -13.66 -5.39
N ALA I 23 -9.51 -12.84 -4.37
CA ALA I 23 -10.08 -11.52 -4.56
C ALA I 23 -9.25 -10.65 -5.43
N GLU I 24 -7.96 -10.61 -5.14
CA GLU I 24 -7.04 -9.83 -5.91
C GLU I 24 -7.15 -10.12 -7.39
N ILE I 25 -7.24 -11.39 -7.70
CA ILE I 25 -7.43 -11.85 -9.04
C ILE I 25 -8.66 -11.25 -9.65
N LEU I 26 -9.79 -11.29 -8.95
CA LEU I 26 -11.02 -10.73 -9.49
C LEU I 26 -10.92 -9.26 -9.82
N ARG I 27 -10.15 -8.53 -9.04
CA ARG I 27 -9.93 -7.15 -9.38
C ARG I 27 -9.23 -6.95 -10.68
N ALA I 28 -8.13 -7.68 -10.87
CA ALA I 28 -7.34 -7.57 -12.09
C ALA I 28 -8.07 -8.01 -13.31
N GLN I 29 -8.82 -9.08 -13.14
CA GLN I 29 -9.52 -9.73 -14.20
C GLN I 29 -10.44 -8.84 -14.99
N GLN J 1 15.46 21.96 24.41
CA GLN J 1 14.12 21.38 24.23
C GLN J 1 13.98 20.48 23.01
N ALA J 2 13.94 21.09 21.81
CA ALA J 2 13.71 20.38 20.54
C ALA J 2 14.71 19.27 20.30
N ARG J 3 15.88 19.41 20.88
CA ARG J 3 16.93 18.41 20.83
C ARG J 3 16.37 17.05 21.28
N ILE J 4 15.62 17.06 22.36
CA ILE J 4 15.14 15.85 22.91
C ILE J 4 13.69 15.67 22.53
N LEU J 5 13.11 16.67 21.88
CA LEU J 5 11.90 16.38 21.15
C LEU J 5 12.15 15.31 20.13
N GLU J 6 13.27 15.41 19.43
CA GLU J 6 13.64 14.29 18.60
C GLU J 6 13.77 13.04 19.43
N ALA J 7 14.53 13.10 20.52
CA ALA J 7 14.67 11.90 21.35
C ALA J 7 13.36 11.21 21.58
N ASP J 8 12.46 11.92 22.20
CA ASP J 8 11.17 11.39 22.53
C ASP J 8 10.45 10.78 21.35
N ALA J 9 10.19 11.60 20.34
CA ALA J 9 9.34 11.20 19.26
C ALA J 9 9.93 10.14 18.40
N GLU J 10 11.18 10.30 18.05
CA GLU J 10 11.82 9.41 17.13
C GLU J 10 11.85 8.02 17.66
N ILE J 11 12.16 7.86 18.93
CA ILE J 11 12.11 6.54 19.46
C ILE J 11 10.75 5.91 19.30
N LEU J 12 9.71 6.67 19.61
CA LEU J 12 8.40 6.10 19.49
C LEU J 12 8.09 5.61 18.12
N ARG J 13 8.52 6.35 17.14
CA ARG J 13 8.27 5.95 15.78
C ARG J 13 8.90 4.62 15.50
N ALA J 14 10.11 4.38 16.01
CA ALA J 14 10.73 3.08 15.84
C ALA J 14 9.92 1.99 16.49
N TYR J 15 9.35 2.28 17.64
CA TYR J 15 8.56 1.30 18.34
C TYR J 15 7.46 0.82 17.43
N ALA J 16 6.81 1.78 16.79
CA ALA J 16 5.76 1.47 15.86
C ALA J 16 6.26 0.71 14.65
N ARG J 17 7.45 1.06 14.14
CA ARG J 17 8.07 0.34 13.02
C ARG J 17 8.04 -1.14 13.30
N ILE J 18 8.41 -1.51 14.52
CA ILE J 18 8.38 -2.89 14.91
C ILE J 18 7.02 -3.47 14.91
N LEU J 19 6.06 -2.79 15.51
CA LEU J 19 4.73 -3.36 15.53
C LEU J 19 4.13 -3.56 14.16
N GLU J 20 4.40 -2.63 13.28
CA GLU J 20 3.89 -2.70 11.96
C GLU J 20 4.42 -3.93 11.30
N ALA J 21 5.70 -4.20 11.49
CA ALA J 21 6.27 -5.39 10.95
C ALA J 21 5.54 -6.60 11.44
N HIS J 22 5.27 -6.64 12.73
CA HIS J 22 4.58 -7.74 13.34
C HIS J 22 3.26 -8.02 12.64
N ALA J 23 2.51 -6.96 12.34
CA ALA J 23 1.25 -7.10 11.61
C ALA J 23 1.41 -7.69 10.27
N GLU J 24 2.37 -7.18 9.52
CA GLU J 24 2.65 -7.67 8.20
C GLU J 24 2.84 -9.17 8.19
N ILE J 25 3.60 -9.64 9.17
CA ILE J 25 3.82 -11.03 9.35
C ILE J 25 2.53 -11.79 9.52
N LEU J 26 1.64 -11.30 10.37
CA LEU J 26 0.36 -11.98 10.57
C LEU J 26 -0.45 -12.11 9.31
N ARG J 27 -0.36 -11.13 8.44
CA ARG J 27 -1.04 -11.25 7.17
C ARG J 27 -0.52 -12.37 6.33
N ALA J 28 0.80 -12.45 6.19
CA ALA J 28 1.42 -13.48 5.37
C ALA J 28 1.21 -14.87 5.92
N GLN J 29 1.28 -14.96 7.21
CA GLN J 29 1.22 -16.20 7.93
C GLN J 29 0.00 -17.03 7.64
N GLN K 1 -1.78 29.78 -23.63
CA GLN K 1 -2.45 29.30 -22.43
C GLN K 1 -1.92 27.96 -21.90
N ALA K 2 -2.25 26.86 -22.58
CA ALA K 2 -1.90 25.50 -22.16
C ALA K 2 -0.40 25.31 -21.96
N ARG K 3 0.38 26.10 -22.66
CA ARG K 3 1.81 26.12 -22.52
C ARG K 3 2.21 26.30 -21.04
N ILE K 4 1.54 27.22 -20.38
CA ILE K 4 1.90 27.53 -19.04
C ILE K 4 0.90 26.87 -18.11
N LEU K 5 -0.12 26.26 -18.67
CA LEU K 5 -0.84 25.29 -17.86
C LEU K 5 0.10 24.22 -17.41
N GLU K 6 0.95 23.74 -18.30
CA GLU K 6 1.99 22.85 -17.82
C GLU K 6 2.82 23.55 -16.77
N ALA K 7 3.30 24.76 -17.05
CA ALA K 7 4.11 25.45 -16.03
C ALA K 7 3.50 25.35 -14.66
N ASP K 8 2.31 25.88 -14.54
CA ASP K 8 1.62 25.92 -13.30
C ASP K 8 1.51 24.55 -12.63
N ALA K 9 0.88 23.62 -13.31
CA ALA K 9 0.54 22.37 -12.71
C ALA K 9 1.72 21.50 -12.42
N GLU K 10 2.62 21.41 -13.37
CA GLU K 10 3.73 20.53 -13.27
C GLU K 10 4.59 20.87 -12.11
N ILE K 11 4.84 22.15 -11.91
CA ILE K 11 5.60 22.50 -10.75
C ILE K 11 4.94 22.03 -9.49
N LEU K 12 3.64 22.23 -9.37
CA LEU K 12 2.98 21.82 -8.16
C LEU K 12 3.13 20.36 -7.88
N ARG K 13 3.07 19.56 -8.92
CA ARG K 13 3.22 18.15 -8.74
C ARG K 13 4.57 17.83 -8.14
N ALA K 14 5.61 18.51 -8.59
CA ALA K 14 6.92 18.31 -8.00
C ALA K 14 6.94 18.67 -6.52
N TYR K 15 6.25 19.72 -6.18
CA TYR K 15 6.19 20.15 -4.80
C TYR K 15 5.69 19.00 -3.96
N ALA K 16 4.63 18.38 -4.43
CA ALA K 16 4.07 17.24 -3.75
C ALA K 16 5.02 16.07 -3.72
N ARG K 17 5.75 15.81 -4.81
CA ARG K 17 6.76 14.76 -4.86
C ARG K 17 7.66 14.84 -3.64
N ILE K 18 8.09 16.05 -3.33
CA ILE K 18 8.90 16.27 -2.17
C ILE K 18 8.20 15.95 -0.89
N LEU K 19 7.00 16.44 -0.72
CA LEU K 19 6.32 16.15 0.52
C LEU K 19 6.07 14.69 0.75
N GLU K 20 5.75 13.99 -0.30
CA GLU K 20 5.49 12.60 -0.21
C GLU K 20 6.71 11.91 0.28
N ALA K 21 7.87 12.29 -0.25
CA ALA K 21 9.10 11.72 0.22
C ALA K 21 9.25 11.93 1.69
N HIS K 22 8.97 13.13 2.15
CA HIS K 22 9.09 13.47 3.54
C HIS K 22 8.28 12.51 4.41
N ALA K 23 7.06 12.22 3.99
CA ALA K 23 6.22 11.27 4.70
C ALA K 23 6.80 9.91 4.78
N GLU K 24 7.27 9.42 3.65
CA GLU K 24 7.89 8.11 3.59
C GLU K 24 8.97 7.97 4.63
N ILE K 25 9.79 9.00 4.74
CA ILE K 25 10.82 9.05 5.72
C ILE K 25 10.29 8.89 7.10
N LEU K 26 9.23 9.62 7.45
CA LEU K 26 8.65 9.51 8.79
C LEU K 26 8.18 8.11 9.12
N ARG K 27 7.70 7.40 8.13
CA ARG K 27 7.33 6.01 8.37
C ARG K 27 8.49 5.16 8.75
N ALA K 28 9.57 5.25 7.99
CA ALA K 28 10.76 4.44 8.23
C ALA K 28 11.42 4.77 9.54
N GLN K 29 11.45 6.04 9.84
CA GLN K 29 12.13 6.58 10.98
C GLN K 29 11.72 5.97 12.29
N GLN L 1 -16.86 -19.31 -29.14
CA GLN L 1 -17.16 -18.30 -28.12
C GLN L 1 -15.94 -17.86 -27.31
N ALA L 2 -15.47 -18.71 -26.39
CA ALA L 2 -14.37 -18.39 -25.46
C ALA L 2 -13.10 -17.95 -26.17
N ARG L 3 -12.94 -18.40 -27.41
CA ARG L 3 -11.85 -18.01 -28.26
C ARG L 3 -11.74 -16.47 -28.33
N ILE L 4 -12.88 -15.84 -28.50
CA ILE L 4 -12.90 -14.43 -28.68
C ILE L 4 -13.32 -13.78 -27.38
N LEU L 5 -13.69 -14.59 -26.40
CA LEU L 5 -13.71 -14.04 -25.05
C LEU L 5 -12.33 -13.54 -24.70
N GLU L 6 -11.31 -14.32 -25.03
CA GLU L 6 -9.98 -13.77 -24.88
C GLU L 6 -9.85 -12.52 -25.68
N ALA L 7 -10.21 -12.56 -26.98
CA ALA L 7 -10.08 -11.34 -27.79
C ALA L 7 -10.59 -10.13 -27.07
N ASP L 8 -11.84 -10.15 -26.73
CA ASP L 8 -12.48 -9.06 -26.08
C ASP L 8 -11.76 -8.59 -24.83
N ALA L 9 -11.63 -9.48 -23.87
CA ALA L 9 -11.15 -9.11 -22.58
C ALA L 9 -9.70 -8.72 -22.56
N GLU L 10 -8.89 -9.50 -23.22
CA GLU L 10 -7.48 -9.30 -23.20
C GLU L 10 -7.10 -7.96 -23.75
N ILE L 11 -7.72 -7.58 -24.85
CA ILE L 11 -7.44 -6.27 -25.33
C ILE L 11 -7.74 -5.20 -24.31
N LEU L 12 -8.88 -5.31 -23.66
CA LEU L 12 -9.22 -4.29 -22.69
C LEU L 12 -8.20 -4.16 -21.61
N ARG L 13 -7.67 -5.28 -21.17
CA ARG L 13 -6.68 -5.25 -20.13
C ARG L 13 -5.48 -4.47 -20.57
N ALA L 14 -5.08 -4.63 -21.82
CA ALA L 14 -3.96 -3.83 -22.33
C ALA L 14 -4.27 -2.36 -22.32
N TYR L 15 -5.50 -2.02 -22.64
CA TYR L 15 -5.90 -0.62 -22.65
C TYR L 15 -5.62 -0.03 -21.29
N ALA L 16 -6.03 -0.76 -20.28
CA ALA L 16 -5.80 -0.33 -18.92
C ALA L 16 -4.33 -0.27 -18.58
N ARG L 17 -3.52 -1.23 -19.05
CA ARG L 17 -2.07 -1.22 -18.85
C ARG L 17 -1.52 0.13 -19.20
N ILE L 18 -1.96 0.66 -20.34
CA ILE L 18 -1.54 1.97 -20.76
C ILE L 18 -1.96 3.05 -19.83
N LEU L 19 -3.22 3.06 -19.44
CA LEU L 19 -3.66 4.12 -18.56
C LEU L 19 -2.95 4.12 -17.24
N GLU L 20 -2.68 2.96 -16.71
CA GLU L 20 -2.02 2.83 -15.46
C GLU L 20 -0.67 3.45 -15.57
N ALA L 21 0.01 3.19 -16.67
CA ALA L 21 1.29 3.79 -16.88
C ALA L 21 1.20 5.28 -16.83
N HIS L 22 0.19 5.82 -17.49
CA HIS L 22 -0.02 7.25 -17.54
C HIS L 22 -0.10 7.84 -16.13
N ALA L 23 -0.84 7.16 -15.25
CA ALA L 23 -0.96 7.59 -13.87
C ALA L 23 0.35 7.62 -13.16
N GLU L 24 1.10 6.54 -13.30
CA GLU L 24 2.39 6.44 -12.67
C GLU L 24 3.25 7.64 -13.00
N ILE L 25 3.24 8.01 -14.27
CA ILE L 25 3.95 9.15 -14.73
C ILE L 25 3.54 10.40 -14.00
N LEU L 26 2.23 10.62 -13.86
CA LEU L 26 1.76 11.82 -13.13
C LEU L 26 2.25 11.89 -11.72
N ARG L 27 2.39 10.75 -11.07
CA ARG L 27 2.95 10.75 -9.74
C ARG L 27 4.36 11.23 -9.70
N ALA L 28 5.20 10.68 -10.58
CA ALA L 28 6.60 11.05 -10.62
C ALA L 28 6.84 12.49 -11.00
N GLN L 29 6.04 12.94 -11.94
CA GLN L 29 6.16 14.23 -12.54
C GLN L 29 6.13 15.37 -11.55
N GLN M 1 2.52 -33.23 16.67
CA GLN M 1 1.58 -32.18 16.28
C GLN M 1 2.19 -31.11 15.37
N ALA M 2 3.04 -30.24 15.93
CA ALA M 2 3.63 -29.09 15.21
C ALA M 2 4.39 -29.51 13.96
N ARG M 3 4.87 -30.74 13.97
CA ARG M 3 5.54 -31.33 12.83
C ARG M 3 4.65 -31.20 11.56
N ILE M 4 3.38 -31.49 11.73
CA ILE M 4 2.50 -31.50 10.62
C ILE M 4 1.68 -30.23 10.63
N LEU M 5 1.83 -29.44 11.68
CA LEU M 5 1.39 -28.06 11.54
C LEU M 5 2.12 -27.41 10.40
N GLU M 6 3.42 -27.64 10.33
CA GLU M 6 4.11 -27.19 9.13
C GLU M 6 3.47 -27.80 7.91
N ALA M 7 3.31 -29.13 7.90
CA ALA M 7 2.70 -29.76 6.71
C ALA M 7 1.50 -28.99 6.23
N ASP M 8 0.52 -28.90 7.09
CA ASP M 8 -0.70 -28.25 6.76
C ASP M 8 -0.53 -26.84 6.21
N ALA M 9 0.07 -25.99 7.02
CA ALA M 9 0.13 -24.60 6.71
C ALA M 9 1.00 -24.27 5.53
N GLU M 10 2.17 -24.87 5.51
CA GLU M 10 3.14 -24.56 4.52
C GLU M 10 2.63 -24.87 3.14
N ILE M 11 1.98 -26.00 3.00
CA ILE M 11 1.42 -26.27 1.71
C ILE M 11 0.45 -25.21 1.28
N LEU M 12 -0.41 -24.78 2.18
CA LEU M 12 -1.38 -23.78 1.81
C LEU M 12 -0.73 -22.52 1.32
N ARG M 13 0.34 -22.13 1.95
CA ARG M 13 1.01 -20.94 1.54
C ARG M 13 1.48 -21.06 0.12
N ALA M 14 1.99 -22.22 -0.26
CA ALA M 14 2.40 -22.43 -1.64
C ALA M 14 1.23 -22.30 -2.59
N TYR M 15 0.08 -22.79 -2.18
CA TYR M 15 -1.10 -22.71 -3.01
C TYR M 15 -1.35 -21.27 -3.36
N ALA M 16 -1.27 -20.42 -2.34
CA ALA M 16 -1.45 -19.01 -2.53
C ALA M 16 -0.36 -18.41 -3.40
N ARG M 17 0.88 -18.84 -3.24
CA ARG M 17 2.00 -18.38 -4.07
C ARG M 17 1.60 -18.47 -5.53
N ILE M 18 1.00 -19.59 -5.90
CA ILE M 18 0.54 -19.77 -7.26
C ILE M 18 -0.53 -18.80 -7.63
N LEU M 19 -1.54 -18.66 -6.81
CA LEU M 19 -2.60 -17.74 -7.18
C LEU M 19 -2.14 -16.33 -7.34
N GLU M 20 -1.24 -15.91 -6.49
CA GLU M 20 -0.73 -14.59 -6.53
C GLU M 20 -0.06 -14.36 -7.84
N ALA M 21 0.71 -15.35 -8.29
CA ALA M 21 1.34 -15.25 -9.57
C ALA M 21 0.33 -15.04 -10.65
N HIS M 22 -0.75 -15.81 -10.60
CA HIS M 22 -1.79 -15.72 -11.57
C HIS M 22 -2.33 -14.30 -11.69
N ALA M 23 -2.53 -13.65 -10.55
CA ALA M 23 -2.98 -12.27 -10.52
C ALA M 23 -2.03 -11.34 -11.19
N GLU M 24 -0.77 -11.46 -10.83
CA GLU M 24 0.26 -10.64 -11.41
C GLU M 24 0.20 -10.65 -12.91
N ILE M 25 0.05 -11.85 -13.45
CA ILE M 25 -0.10 -12.04 -14.86
C ILE M 25 -1.24 -11.25 -15.42
N LEU M 26 -2.41 -11.31 -14.78
CA LEU M 26 -3.56 -10.56 -15.27
C LEU M 26 -3.33 -9.07 -15.33
N ARG M 27 -2.55 -8.55 -14.40
CA ARG M 27 -2.20 -7.16 -14.47
C ARG M 27 -1.41 -6.80 -15.69
N ALA M 28 -0.36 -7.57 -15.95
CA ALA M 28 0.50 -7.32 -17.09
C ALA M 28 -0.19 -7.48 -18.40
N GLN M 29 -1.02 -8.49 -18.46
CA GLN M 29 -1.71 -8.88 -19.65
C GLN M 29 -2.50 -7.80 -20.32
N GLN N 1 23.21 13.32 25.13
CA GLN N 1 21.86 12.89 24.79
C GLN N 1 21.72 12.24 23.41
N ALA N 2 21.79 13.05 22.34
CA ALA N 2 21.58 12.59 20.97
C ALA N 2 22.52 11.46 20.58
N ARG N 3 23.66 11.40 21.22
CA ARG N 3 24.61 10.33 21.04
C ARG N 3 23.94 8.96 21.21
N ILE N 4 23.13 8.86 22.24
CA ILE N 4 22.52 7.61 22.55
C ILE N 4 21.10 7.63 22.07
N LEU N 5 20.63 8.77 21.58
CA LEU N 5 19.44 8.73 20.76
C LEU N 5 19.69 7.82 19.58
N GLU N 6 20.84 7.95 18.95
CA GLU N 6 21.18 6.96 17.96
C GLU N 6 21.14 5.58 18.56
N ALA N 7 21.85 5.38 19.68
CA ALA N 7 21.84 4.04 20.28
C ALA N 7 20.47 3.45 20.33
N ASP N 8 19.59 4.12 21.02
CA ASP N 8 18.25 3.64 21.19
C ASP N 8 17.55 3.32 19.89
N ALA N 9 17.43 4.32 19.03
CA ALA N 9 16.62 4.19 17.86
C ALA N 9 17.17 3.24 16.84
N GLU N 10 18.46 3.35 16.59
CA GLU N 10 19.09 2.60 15.56
C GLU N 10 18.98 1.13 15.82
N ILE N 11 19.19 0.74 17.07
CA ILE N 11 19.00 -0.66 17.34
C ILE N 11 17.61 -1.12 17.02
N LEU N 12 16.62 -0.34 17.40
CA LEU N 12 15.27 -0.78 17.13
C LEU N 12 15.01 -0.99 15.68
N ARG N 13 15.57 -0.12 14.86
CA ARG N 13 15.36 -0.26 13.45
C ARG N 13 15.90 -1.58 12.96
N ALA N 14 17.05 -2.00 13.48
CA ALA N 14 17.59 -3.29 13.11
C ALA N 14 16.66 -4.42 13.52
N TYR N 15 16.06 -4.28 14.68
CA TYR N 15 15.14 -5.30 15.15
C TYR N 15 14.06 -5.51 14.12
N ALA N 16 13.52 -4.41 13.63
CA ALA N 16 12.51 -4.45 12.61
C ALA N 16 13.04 -5.03 11.31
N ARG N 17 14.27 -4.70 10.92
CA ARG N 17 14.90 -5.26 9.72
C ARG N 17 14.75 -6.77 9.73
N ILE N 18 15.02 -7.37 10.88
CA ILE N 18 14.85 -8.80 11.02
C ILE N 18 13.45 -9.25 10.86
N LEU N 19 12.52 -8.60 11.52
CA LEU N 19 11.14 -9.04 11.37
C LEU N 19 10.63 -8.95 9.97
N GLU N 20 11.01 -7.91 9.28
CA GLU N 20 10.58 -7.71 7.94
C GLU N 20 11.05 -8.84 7.10
N ALA N 21 12.29 -9.25 7.30
CA ALA N 21 12.80 -10.38 6.58
C ALA N 21 11.95 -11.58 6.81
N HIS N 22 11.60 -11.81 8.06
CA HIS N 22 10.79 -12.96 8.43
C HIS N 22 9.51 -12.99 7.62
N ALA N 23 8.86 -11.84 7.48
CA ALA N 23 7.64 -11.73 6.70
C ALA N 23 7.84 -12.10 5.27
N GLU N 24 8.88 -11.54 4.67
CA GLU N 24 9.20 -11.82 3.30
C GLU N 24 9.27 -13.30 3.04
N ILE N 25 9.93 -13.99 3.94
CA ILE N 25 10.03 -15.42 3.88
C ILE N 25 8.69 -16.08 3.86
N LEU N 26 7.78 -15.67 4.75
CA LEU N 26 6.44 -16.26 4.75
C LEU N 26 5.69 -16.11 3.45
N ARG N 27 5.92 -14.99 2.77
CA ARG N 27 5.31 -14.83 1.48
C ARG N 27 5.78 -15.84 0.47
N ALA N 28 7.10 -15.99 0.39
CA ALA N 28 7.70 -16.92 -0.58
C ALA N 28 7.35 -18.35 -0.30
N GLN N 29 7.33 -18.68 0.96
CA GLN N 29 7.14 -20.01 1.44
C GLN N 29 5.87 -20.67 0.95
N GLN O 1 9.60 30.85 -21.50
CA GLN O 1 8.84 30.22 -20.43
C GLN O 1 9.23 28.78 -20.13
N ALA O 2 8.85 27.85 -21.01
CA ALA O 2 9.06 26.40 -20.82
C ALA O 2 10.53 26.05 -20.59
N ARG O 3 11.42 26.88 -21.10
CA ARG O 3 12.84 26.75 -20.90
C ARG O 3 13.15 26.63 -19.39
N ILE O 4 12.51 27.48 -18.61
CA ILE O 4 12.81 27.52 -17.22
C ILE O 4 11.71 26.80 -16.47
N LEU O 5 10.68 26.38 -17.18
CA LEU O 5 9.85 25.36 -16.59
C LEU O 5 10.67 24.14 -16.28
N GLU O 6 11.53 23.76 -17.21
CA GLU O 6 12.47 22.72 -16.85
C GLU O 6 13.28 23.14 -15.65
N ALA O 7 13.87 24.34 -15.69
CA ALA O 7 14.66 24.76 -14.52
C ALA O 7 13.97 24.49 -13.23
N ASP O 8 12.82 25.08 -13.07
CA ASP O 8 12.06 24.96 -11.87
C ASP O 8 11.81 23.52 -11.46
N ALA O 9 11.15 22.78 -12.33
CA ALA O 9 10.68 21.47 -11.98
C ALA O 9 11.76 20.47 -11.80
N GLU O 10 12.71 20.46 -12.71
CA GLU O 10 13.75 19.49 -12.71
C GLU O 10 14.56 19.56 -11.47
N ILE O 11 14.89 20.75 -11.03
CA ILE O 11 15.59 20.82 -9.80
C ILE O 11 14.83 20.21 -8.66
N LEU O 12 13.55 20.48 -8.58
CA LEU O 12 12.78 19.93 -7.49
C LEU O 12 12.81 18.44 -7.47
N ARG O 13 12.76 17.84 -8.64
CA ARG O 13 12.78 16.41 -8.70
C ARG O 13 14.06 15.87 -8.11
N ALA O 14 15.17 16.54 -8.38
CA ALA O 14 16.43 16.11 -7.77
C ALA O 14 16.39 16.21 -6.27
N TYR O 15 15.75 17.25 -5.77
CA TYR O 15 15.64 17.44 -4.33
C TYR O 15 15.01 16.20 -3.74
N ALA O 16 13.94 15.76 -4.36
CA ALA O 16 13.25 14.58 -3.93
C ALA O 16 14.10 13.34 -4.06
N ARG O 17 14.88 13.22 -5.14
CA ARG O 17 15.81 12.10 -5.33
C ARG O 17 16.62 11.90 -4.08
N ILE O 18 17.13 13.00 -3.54
CA ILE O 18 17.89 12.93 -2.32
C ILE O 18 17.09 12.46 -1.16
N LEU O 19 15.91 13.02 -0.96
CA LEU O 19 15.13 12.57 0.18
C LEU O 19 14.77 11.12 0.14
N GLU O 20 14.46 10.64 -1.03
CA GLU O 20 14.09 9.28 -1.21
C GLU O 20 15.23 8.41 -0.79
N ALA O 21 16.43 8.79 -1.18
CA ALA O 21 17.58 8.04 -0.78
C ALA O 21 17.66 7.97 0.71
N HIS O 22 17.45 9.10 1.37
CA HIS O 22 17.50 9.17 2.80
C HIS O 22 16.59 8.15 3.45
N ALA O 23 15.37 8.04 2.92
CA ALA O 23 14.41 7.06 3.41
C ALA O 23 14.88 5.66 3.27
N GLU O 24 15.39 5.33 2.11
CA GLU O 24 15.90 4.01 1.84
C GLU O 24 16.89 3.59 2.89
N ILE O 25 17.79 4.52 3.21
CA ILE O 25 18.76 4.31 4.23
C ILE O 25 18.13 3.96 5.55
N LEU O 26 17.11 4.71 5.96
CA LEU O 26 16.45 4.41 7.23
C LEU O 26 15.85 3.02 7.29
N ARG O 27 15.37 2.54 6.16
CA ARG O 27 14.89 1.17 6.14
C ARG O 27 15.96 0.16 6.41
N ALA O 28 17.08 0.29 5.72
CA ALA O 28 18.19 -0.65 5.89
C ALA O 28 18.79 -0.61 7.25
N GLN O 29 18.90 0.59 7.78
CA GLN O 29 19.55 0.85 9.02
C GLN O 29 19.02 0.07 10.19
N GLN P 1 -8.82 -15.05 -36.38
CA GLN P 1 -9.10 -14.22 -35.23
C GLN P 1 -7.90 -14.02 -34.28
N ALA P 2 -7.56 -15.06 -33.51
CA ALA P 2 -6.50 -15.00 -32.49
C ALA P 2 -5.16 -14.55 -33.06
N ARG P 3 -4.96 -14.80 -34.34
CA ARG P 3 -3.79 -14.36 -35.05
C ARG P 3 -3.56 -12.85 -34.85
N ILE P 4 -4.64 -12.10 -34.95
CA ILE P 4 -4.54 -10.68 -34.88
C ILE P 4 -4.99 -10.23 -33.51
N LEU P 5 -5.48 -11.16 -32.70
CA LEU P 5 -5.53 -10.86 -31.29
C LEU P 5 -4.14 -10.55 -30.78
N GLU P 6 -3.17 -11.35 -31.19
CA GLU P 6 -1.81 -10.95 -30.90
C GLU P 6 -1.53 -9.59 -31.46
N ALA P 7 -1.82 -9.38 -32.74
CA ALA P 7 -1.55 -8.05 -33.32
C ALA P 7 -2.00 -6.94 -32.42
N ASP P 8 -3.28 -6.92 -32.15
CA ASP P 8 -3.87 -5.91 -31.35
C ASP P 8 -3.18 -5.72 -30.00
N ALA P 9 -3.19 -6.78 -29.22
CA ALA P 9 -2.76 -6.67 -27.85
C ALA P 9 -1.30 -6.42 -27.70
N GLU P 10 -0.50 -7.13 -28.45
CA GLU P 10 0.93 -7.08 -28.32
C GLU P 10 1.42 -5.71 -28.61
N ILE P 11 0.91 -5.08 -29.64
CA ILE P 11 1.33 -3.74 -29.87
C ILE P 11 1.05 -2.84 -28.70
N LEU P 12 -0.14 -2.96 -28.12
CA LEU P 12 -0.45 -2.10 -27.01
C LEU P 12 0.50 -2.25 -25.87
N ARG P 13 0.90 -3.46 -25.62
CA ARG P 13 1.83 -3.70 -24.54
C ARG P 13 3.11 -2.96 -24.78
N ALA P 14 3.58 -2.94 -26.02
CA ALA P 14 4.78 -2.17 -26.32
C ALA P 14 4.59 -0.69 -26.06
N TYR P 15 3.41 -0.19 -26.38
CA TYR P 15 3.12 1.21 -26.16
C TYR P 15 3.35 1.52 -24.71
N ALA P 16 2.84 0.67 -23.85
CA ALA P 16 3.02 0.83 -22.42
C ALA P 16 4.47 0.71 -22.02
N ARG P 17 5.21 -0.22 -22.62
CA ARG P 17 6.65 -0.38 -22.35
C ARG P 17 7.33 0.97 -22.44
N ILE P 18 7.00 1.72 -23.48
CA ILE P 18 7.54 3.05 -23.63
C ILE P 18 7.14 3.98 -22.55
N LEU P 19 5.87 4.03 -22.23
CA LEU P 19 5.47 4.94 -21.18
C LEU P 19 6.09 4.66 -19.85
N GLU P 20 6.22 3.41 -19.54
CA GLU P 20 6.80 3.00 -18.30
C GLU P 20 8.20 3.52 -18.23
N ALA P 21 8.93 3.39 -19.33
CA ALA P 21 10.26 3.91 -19.36
C ALA P 21 10.27 5.37 -19.04
N HIS P 22 9.36 6.11 -19.66
CA HIS P 22 9.26 7.53 -19.45
C HIS P 22 9.13 7.86 -17.97
N ALA P 23 8.29 7.12 -17.27
CA ALA P 23 8.13 7.31 -15.84
C ALA P 23 9.38 7.10 -15.07
N GLU P 24 10.05 6.00 -15.36
CA GLU P 24 11.30 5.68 -14.70
C GLU P 24 12.27 6.83 -14.77
N ILE P 25 12.36 7.42 -15.95
CA ILE P 25 13.17 8.57 -16.17
C ILE P 25 12.82 9.70 -15.24
N LEU P 26 11.53 10.01 -15.12
CA LEU P 26 11.12 11.09 -14.23
C LEU P 26 11.52 10.87 -12.79
N ARG P 27 11.53 9.63 -12.36
CA ARG P 27 12.00 9.35 -11.03
C ARG P 27 13.44 9.70 -10.82
N ALA P 28 14.29 9.25 -11.75
CA ALA P 28 15.72 9.49 -11.67
C ALA P 28 16.08 10.94 -11.77
N GLN P 29 15.38 11.61 -12.66
CA GLN P 29 15.64 12.98 -12.99
C GLN P 29 15.63 13.93 -11.83
N GLN Q 1 6.58 -38.36 7.05
CA GLN Q 1 5.76 -37.18 6.81
C GLN Q 1 6.50 -36.02 6.14
N ALA Q 2 7.38 -35.34 6.89
CA ALA Q 2 8.10 -34.14 6.42
C ALA Q 2 8.90 -34.40 5.15
N ARG Q 3 9.28 -35.64 4.96
CA ARG Q 3 9.97 -36.07 3.76
C ARG Q 3 9.18 -35.65 2.50
N ILE Q 4 7.88 -35.86 2.55
CA ILE Q 4 7.07 -35.59 1.41
C ILE Q 4 6.36 -34.29 1.62
N LEU Q 5 6.49 -33.70 2.79
CA LEU Q 5 6.17 -32.30 2.88
C LEU Q 5 7.02 -31.52 1.92
N GLU Q 6 8.30 -31.84 1.86
CA GLU Q 6 9.09 -31.25 0.79
C GLU Q 6 8.50 -31.59 -0.54
N ALA Q 7 8.23 -32.87 -0.80
CA ALA Q 7 7.65 -33.23 -2.09
C ALA Q 7 6.54 -32.30 -2.49
N ASP Q 8 5.52 -32.26 -1.68
CA ASP Q 8 4.37 -31.46 -1.95
C ASP Q 8 4.69 -30.01 -2.23
N ALA Q 9 5.30 -29.36 -1.25
CA ALA Q 9 5.48 -27.94 -1.31
C ALA Q 9 6.45 -27.50 -2.35
N GLU Q 10 7.56 -28.17 -2.44
CA GLU Q 10 8.62 -27.78 -3.32
C GLU Q 10 8.17 -27.81 -4.74
N ILE Q 11 7.44 -28.84 -5.11
CA ILE Q 11 6.94 -28.83 -6.45
C ILE Q 11 6.09 -27.62 -6.73
N LEU Q 12 5.21 -27.29 -5.81
CA LEU Q 12 4.35 -26.16 -6.05
C LEU Q 12 5.11 -24.90 -6.27
N ARG Q 13 6.17 -24.72 -5.53
CA ARG Q 13 6.96 -23.54 -5.69
C ARG Q 13 7.51 -23.44 -7.08
N ALA Q 14 7.95 -24.56 -7.64
CA ALA Q 14 8.42 -24.56 -9.02
C ALA Q 14 7.32 -24.16 -9.98
N TYR Q 15 6.12 -24.62 -9.73
CA TYR Q 15 5.00 -24.29 -10.58
C TYR Q 15 4.89 -22.79 -10.67
N ALA Q 16 4.96 -22.15 -9.52
CA ALA Q 16 4.90 -20.72 -9.46
C ALA Q 16 6.08 -20.07 -10.16
N ARG Q 17 7.29 -20.63 -10.02
CA ARG Q 17 8.48 -20.13 -10.71
C ARG Q 17 8.17 -19.92 -12.17
N ILE Q 18 7.51 -20.91 -12.77
CA ILE Q 18 7.12 -20.81 -14.14
C ILE Q 18 6.15 -19.71 -14.40
N LEU Q 19 5.10 -19.62 -13.61
CA LEU Q 19 4.15 -18.56 -13.85
C LEU Q 19 4.72 -17.19 -13.74
N GLU Q 20 5.59 -17.01 -12.79
CA GLU Q 20 6.21 -15.75 -12.57
C GLU Q 20 6.97 -15.36 -13.80
N ALA Q 21 7.68 -16.32 -14.37
CA ALA Q 21 8.40 -16.04 -15.58
C ALA Q 21 7.47 -15.56 -16.65
N HIS Q 22 6.34 -16.24 -16.79
CA HIS Q 22 5.36 -15.88 -17.78
C HIS Q 22 4.96 -14.42 -17.66
N ALA Q 23 4.73 -13.97 -16.44
CA ALA Q 23 4.38 -12.58 -16.19
C ALA Q 23 5.44 -11.64 -16.62
N GLU Q 24 6.67 -11.93 -16.25
CA GLU Q 24 7.79 -11.10 -16.61
C GLU Q 24 7.82 -10.86 -18.10
N ILE Q 25 7.61 -11.92 -18.85
CA ILE Q 25 7.54 -11.86 -20.27
C ILE Q 25 6.49 -10.88 -20.73
N LEU Q 26 5.29 -10.95 -20.18
CA LEU Q 26 4.23 -10.03 -20.58
C LEU Q 26 4.58 -8.58 -20.36
N ARG Q 27 5.34 -8.30 -19.31
CA ARG Q 27 5.79 -6.95 -19.12
C ARG Q 27 6.69 -6.45 -20.20
N ALA Q 28 7.68 -7.26 -20.56
CA ALA Q 28 8.65 -6.89 -21.58
C ALA Q 28 8.02 -6.76 -22.94
N GLN Q 29 7.12 -7.66 -23.23
CA GLN Q 29 6.48 -7.79 -24.50
C GLN Q 29 5.80 -6.53 -24.99
N GLN R 1 30.22 4.04 24.65
CA GLN R 1 28.86 3.81 24.18
C GLN R 1 28.76 3.42 22.71
N ALA R 2 28.96 4.39 21.81
CA ALA R 2 28.81 4.20 20.35
C ALA R 2 29.67 3.07 19.81
N ARG R 3 30.77 2.80 20.49
CA ARG R 3 31.65 1.71 20.16
C ARG R 3 30.85 0.39 20.06
N ILE R 4 29.97 0.18 21.02
CA ILE R 4 29.26 -1.05 21.07
C ILE R 4 27.86 -0.82 20.53
N LEU R 5 27.53 0.42 20.24
CA LEU R 5 26.38 0.62 19.36
C LEU R 5 26.63 -0.08 18.06
N GLU R 6 27.83 0.06 17.51
CA GLU R 6 28.15 -0.77 16.37
C GLU R 6 27.98 -2.22 16.72
N ALA R 7 28.59 -2.67 17.81
CA ALA R 7 28.44 -4.09 18.17
C ALA R 7 27.03 -4.56 18.04
N ASP R 8 26.17 -3.96 18.80
CA ASP R 8 24.79 -4.32 18.83
C ASP R 8 24.15 -4.36 17.44
N ALA R 9 24.15 -3.22 16.78
CA ALA R 9 23.41 -3.08 15.57
C ALA R 9 23.95 -3.87 14.43
N GLU R 10 25.25 -3.83 14.27
CA GLU R 10 25.88 -4.45 13.14
C GLU R 10 25.65 -5.92 13.14
N ILE R 11 25.75 -6.55 14.28
CA ILE R 11 25.45 -7.94 14.30
C ILE R 11 24.04 -8.22 13.84
N LEU R 12 23.09 -7.44 14.31
CA LEU R 12 21.73 -7.71 13.90
C LEU R 12 21.55 -7.64 12.43
N ARG R 13 22.21 -6.69 11.80
CA ARG R 13 22.10 -6.56 10.38
C ARG R 13 22.56 -7.82 9.69
N ALA R 14 23.63 -8.41 10.18
CA ALA R 14 24.09 -9.67 9.61
C ALA R 14 23.06 -10.76 9.76
N TYR R 15 22.39 -10.79 10.90
CA TYR R 15 21.37 -11.78 11.14
C TYR R 15 20.36 -11.71 10.04
N ALA R 16 19.94 -10.50 9.73
CA ALA R 16 18.99 -10.29 8.67
C ALA R 16 19.54 -10.67 7.32
N ARG R 17 20.82 -10.38 7.05
CA ARG R 17 21.48 -10.79 5.80
C ARG R 17 21.21 -12.24 5.54
N ILE R 18 21.36 -13.05 6.57
CA ILE R 18 21.07 -14.46 6.45
C ILE R 18 19.66 -14.76 6.13
N LEU R 19 18.74 -14.16 6.85
CA LEU R 19 17.35 -14.45 6.57
C LEU R 19 16.92 -14.07 5.19
N GLU R 20 17.42 -12.97 4.71
CA GLU R 20 17.10 -12.49 3.41
C GLU R 20 17.53 -13.49 2.40
N ALA R 21 18.72 -14.05 2.59
CA ALA R 21 19.19 -15.06 1.71
C ALA R 21 18.25 -16.22 1.68
N HIS R 22 17.80 -16.64 2.84
CA HIS R 22 16.88 -17.73 2.96
C HIS R 22 15.64 -17.53 2.10
N ALA R 23 15.10 -16.31 2.15
CA ALA R 23 13.94 -15.97 1.34
C ALA R 23 14.20 -16.09 -0.12
N GLU R 24 15.31 -15.54 -0.56
CA GLU R 24 15.70 -15.59 -1.95
C GLU R 24 15.66 -17.01 -2.47
N ILE R 25 16.21 -17.91 -1.66
CA ILE R 25 16.22 -19.29 -1.97
C ILE R 25 14.82 -19.83 -2.19
N LEU R 26 13.89 -19.51 -1.29
CA LEU R 26 12.52 -19.97 -1.44
C LEU R 26 11.87 -19.53 -2.73
N ARG R 27 12.22 -18.34 -3.18
CA ARG R 27 11.70 -17.90 -4.46
C ARG R 27 12.16 -18.75 -5.60
N ALA R 28 13.47 -19.00 -5.66
CA ALA R 28 14.05 -19.79 -6.74
C ALA R 28 13.57 -21.21 -6.74
N GLN R 29 13.46 -21.76 -5.55
CA GLN R 29 13.12 -23.13 -5.33
C GLN R 29 11.85 -23.59 -6.00
N GLN S 1 20.88 30.54 -18.68
CA GLN S 1 20.01 29.80 -17.78
C GLN S 1 20.27 28.30 -17.72
N ALA S 2 19.87 27.57 -18.77
CA ALA S 2 19.97 26.11 -18.83
C ALA S 2 21.38 25.60 -18.60
N ARG S 3 22.36 26.43 -18.91
CA ARG S 3 23.75 26.14 -18.66
C ARG S 3 23.97 25.73 -17.19
N ILE S 4 23.35 26.48 -16.31
CA ILE S 4 23.56 26.26 -14.91
C ILE S 4 22.37 25.52 -14.36
N LEU S 5 21.35 25.31 -15.18
CA LEU S 5 20.40 24.28 -14.82
C LEU S 5 21.11 22.96 -14.70
N GLU S 6 22.00 22.66 -15.64
CA GLU S 6 22.83 21.50 -15.43
C GLU S 6 23.59 21.64 -14.14
N ALA S 7 24.28 22.77 -13.93
CA ALA S 7 25.03 22.93 -12.68
C ALA S 7 24.23 22.49 -11.48
N ASP S 8 23.13 23.13 -11.28
CA ASP S 8 22.29 22.87 -10.16
C ASP S 8 21.91 21.40 -10.02
N ALA S 9 21.24 20.89 -11.04
CA ALA S 9 20.65 19.59 -10.95
C ALA S 9 21.65 18.48 -10.90
N GLU S 10 22.64 18.56 -11.75
CA GLU S 10 23.60 17.51 -11.88
C GLU S 10 24.33 17.29 -10.61
N ILE S 11 24.73 18.36 -9.95
CA ILE S 11 25.36 18.15 -8.69
C ILE S 11 24.48 17.41 -7.72
N LEU S 12 23.22 17.79 -7.65
CA LEU S 12 22.36 17.12 -6.71
C LEU S 12 22.27 15.64 -6.96
N ARG S 13 22.23 15.27 -8.21
CA ARG S 13 22.16 13.88 -8.53
C ARG S 13 23.35 13.14 -7.99
N ALA S 14 24.53 13.74 -8.09
CA ALA S 14 25.70 13.11 -7.50
C ALA S 14 25.58 12.95 -6.00
N TYR S 15 24.99 13.93 -5.35
CA TYR S 15 24.81 13.87 -3.93
C TYR S 15 24.05 12.62 -3.59
N ALA S 16 22.99 12.39 -4.33
CA ALA S 16 22.19 11.20 -4.14
C ALA S 16 22.96 9.94 -4.46
N ARG S 17 23.78 9.94 -5.50
CA ARG S 17 24.63 8.80 -5.85
C ARG S 17 25.35 8.31 -4.61
N ILE S 18 25.91 9.25 -3.86
CA ILE S 18 26.57 8.91 -2.64
C ILE S 18 25.67 8.31 -1.62
N LEU S 19 24.54 8.93 -1.38
CA LEU S 19 23.66 8.35 -0.37
C LEU S 19 23.18 6.97 -0.70
N GLU S 20 22.91 6.73 -1.94
CA GLU S 20 22.46 5.47 -2.38
C GLU S 20 23.49 4.44 -2.07
N ALA S 21 24.75 4.77 -2.34
CA ALA S 21 25.81 3.87 -2.02
C ALA S 21 25.79 3.53 -0.56
N HIS S 22 25.63 4.54 0.28
CA HIS S 22 25.60 4.36 1.70
C HIS S 22 24.56 3.33 2.11
N ALA S 23 23.37 3.41 1.52
CA ALA S 23 22.32 2.45 1.77
C ALA S 23 22.69 1.07 1.41
N GLU S 24 23.23 0.91 0.23
CA GLU S 24 23.66 -0.39 -0.24
C GLU S 24 24.56 -1.08 0.77
N ILE S 25 25.50 -0.30 1.28
CA ILE S 25 26.39 -0.76 2.30
C ILE S 25 25.64 -1.28 3.50
N LEU S 26 24.68 -0.53 3.99
CA LEU S 26 23.90 -0.99 5.15
C LEU S 26 23.20 -2.31 4.94
N ARG S 27 22.76 -2.55 3.72
CA ARG S 27 22.18 -3.84 3.42
C ARG S 27 23.14 -4.96 3.57
N ALA S 28 24.32 -4.82 2.97
CA ALA S 28 25.34 -5.86 3.00
C ALA S 28 25.85 -6.12 4.39
N GLN S 29 26.03 -5.05 5.12
CA GLN S 29 26.61 -5.06 6.42
C GLN S 29 25.95 -5.99 7.40
#